data_3VFG
#
_entry.id   3VFG
#
_cell.length_a   116.028
_cell.length_b   64.310
_cell.length_c   57.241
_cell.angle_alpha   90.00
_cell.angle_beta   93.65
_cell.angle_gamma   90.00
#
_symmetry.space_group_name_H-M   'C 1 2 1'
#
loop_
_entity.id
_entity.type
_entity.pdbx_description
1 polymer '3F8 Light Chain'
2 polymer '3F8 Heavy Chain'
3 water water
#
loop_
_entity_poly.entity_id
_entity_poly.type
_entity_poly.pdbx_seq_one_letter_code
_entity_poly.pdbx_strand_id
1 'polypeptide(L)'
;SIVMTQTPKFLLVSAGDRVTITCKASQSVSNDVTWYQQKAGQSPKLLIYSASNRYSGVPDRFTGSGYGTAFTFTISTVQA
EDLAVYFCQQDYSSFGGGTKLEIKRADAAPTVSIFPPSSEQLTSGGASVVCFLNNFYPKDINVKWKIDGSERQNGVLNSW
TDQDSKDSTYSMSSTLTLTKDEYERHNSYTCEATHKTSTSPIVKSFNRNEC
;
L
2 'polypeptide(L)'
;QVQLKESGPGLVAPSQSLSITCTVSGFSVTNYGVHWVRQPPGKGLEWLGVIWAGGITNYNSAFMSRLSISKDNSKSQVFL
KMNSLQIDDTAMYYCASRGGHYGYALDYWGQGTSVTVSSASTKGPSVYPLVPGCSDTSGSSVTLGCLVKGYFPEPVTVKW
NYGALSSGVRTVSSVLQSGFYSLSSLVTVPSSTWPSQTVICNVAHPASKTELIKRIEPR
;
H
#
# COMPACT_ATOMS: atom_id res chain seq x y z
N SER A 1 -20.31 2.12 -20.12
CA SER A 1 -21.49 2.90 -19.66
C SER A 1 -22.67 2.02 -19.19
N ILE A 2 -22.49 1.29 -18.08
CA ILE A 2 -23.61 0.94 -17.16
C ILE A 2 -23.08 1.50 -15.84
N VAL A 3 -23.95 2.01 -14.98
CA VAL A 3 -23.52 2.52 -13.74
C VAL A 3 -23.82 1.47 -12.70
N MET A 4 -22.85 1.21 -11.83
CA MET A 4 -23.06 0.34 -10.70
C MET A 4 -22.95 1.21 -9.47
N THR A 5 -24.08 1.40 -8.80
CA THR A 5 -24.11 2.18 -7.59
C THR A 5 -23.90 1.27 -6.36
N GLN A 6 -22.75 1.45 -5.72
CA GLN A 6 -22.34 0.58 -4.60
C GLN A 6 -22.43 1.29 -3.28
N THR A 7 -23.10 0.67 -2.33
CA THR A 7 -23.24 1.18 -0.96
C THR A 7 -23.04 0.09 0.06
N PRO A 8 -22.53 0.45 1.25
CA PRO A 8 -22.00 1.72 1.71
C PRO A 8 -20.58 1.93 1.25
N LYS A 9 -20.09 3.16 1.30
CA LYS A 9 -18.68 3.45 0.99
C LYS A 9 -17.69 2.90 2.03
N PHE A 10 -18.14 2.85 3.28
CA PHE A 10 -17.32 2.44 4.45
C PHE A 10 -18.16 1.56 5.30
N LEU A 11 -17.50 0.54 5.84
CA LEU A 11 -18.01 -0.29 6.92
C LEU A 11 -17.03 -0.28 8.08
N LEU A 12 -17.54 -0.18 9.30
CA LEU A 12 -16.73 -0.45 10.52
C LEU A 12 -17.38 -1.53 11.33
N VAL A 13 -16.75 -2.68 11.42
CA VAL A 13 -17.38 -3.88 11.93
C VAL A 13 -16.39 -4.58 12.81
N SER A 14 -16.90 -5.31 13.82
CA SER A 14 -16.07 -6.17 14.61
C SER A 14 -15.90 -7.53 14.03
N ALA A 15 -14.77 -8.19 14.32
CA ALA A 15 -14.58 -9.51 13.94
C ALA A 15 -15.78 -10.32 14.43
N GLY A 16 -16.21 -11.20 13.58
CA GLY A 16 -17.36 -12.05 13.88
C GLY A 16 -18.70 -11.52 13.41
N ASP A 17 -18.83 -10.22 13.14
CA ASP A 17 -20.03 -9.58 12.62
C ASP A 17 -20.27 -9.95 11.12
N ARG A 18 -21.49 -9.72 10.68
CA ARG A 18 -21.93 -9.89 9.31
C ARG A 18 -21.81 -8.58 8.56
N VAL A 19 -21.34 -8.65 7.31
CA VAL A 19 -21.34 -7.52 6.39
C VAL A 19 -22.08 -7.82 5.11
N THR A 20 -22.88 -6.84 4.67
CA THR A 20 -23.55 -6.86 3.39
C THR A 20 -23.32 -5.56 2.59
N ILE A 21 -22.85 -5.73 1.34
CA ILE A 21 -22.60 -4.63 0.40
C ILE A 21 -23.61 -4.84 -0.74
N THR A 22 -24.17 -3.76 -1.23
CA THR A 22 -25.10 -3.75 -2.31
C THR A 22 -24.54 -2.96 -3.53
N CYS A 23 -24.75 -3.51 -4.72
CA CYS A 23 -24.53 -2.83 -5.98
C CYS A 23 -25.83 -2.84 -6.78
N LYS A 24 -26.31 -1.64 -7.16
CA LYS A 24 -27.50 -1.51 -8.03
C LYS A 24 -27.03 -1.11 -9.41
N ALA A 25 -27.32 -1.93 -10.41
CA ALA A 25 -27.08 -1.68 -11.79
C ALA A 25 -28.12 -0.74 -12.39
N SER A 26 -27.65 0.13 -13.26
CA SER A 26 -28.52 1.13 -14.00
C SER A 26 -29.34 0.48 -15.12
N GLN A 27 -29.05 -0.78 -15.48
CA GLN A 27 -29.81 -1.52 -16.45
C GLN A 27 -29.91 -2.92 -15.94
N SER A 28 -30.88 -3.66 -16.41
CA SER A 28 -31.03 -5.10 -16.04
C SER A 28 -30.01 -5.97 -16.71
N VAL A 29 -29.20 -6.68 -15.93
CA VAL A 29 -28.03 -7.42 -16.45
C VAL A 29 -27.98 -8.88 -15.99
N SER A 30 -29.14 -9.53 -15.83
CA SER A 30 -29.13 -10.94 -15.43
C SER A 30 -28.24 -11.19 -14.25
N ASN A 31 -27.35 -12.14 -14.37
CA ASN A 31 -26.45 -12.41 -13.25
C ASN A 31 -25.03 -12.04 -13.60
N ASP A 32 -24.87 -11.04 -14.46
CA ASP A 32 -23.51 -10.75 -15.02
C ASP A 32 -22.84 -9.69 -14.13
N VAL A 33 -22.58 -10.07 -12.92
CA VAL A 33 -21.97 -9.23 -11.88
C VAL A 33 -20.82 -10.03 -11.21
N THR A 34 -19.71 -9.35 -10.99
CA THR A 34 -18.54 -9.85 -10.33
C THR A 34 -18.18 -9.08 -9.06
N TRP A 35 -17.66 -9.79 -8.06
CA TRP A 35 -17.13 -9.18 -6.85
C TRP A 35 -15.65 -9.44 -6.67
N TYR A 36 -14.91 -8.38 -6.44
CA TYR A 36 -13.44 -8.48 -6.14
C TYR A 36 -13.14 -7.91 -4.74
N GLN A 37 -12.05 -8.44 -4.16
CA GLN A 37 -11.45 -8.01 -2.91
C GLN A 37 -10.08 -7.36 -3.26
N GLN A 38 -9.75 -6.23 -2.70
CA GLN A 38 -8.40 -5.65 -2.94
C GLN A 38 -7.86 -5.22 -1.60
N LYS A 39 -6.87 -5.98 -1.18
CA LYS A 39 -6.22 -5.63 0.10
C LYS A 39 -5.16 -4.54 -0.13
N ALA A 40 -4.79 -3.85 0.94
CA ALA A 40 -3.83 -2.75 0.83
C ALA A 40 -2.53 -3.20 0.20
N GLY A 41 -2.10 -2.43 -0.81
CA GLY A 41 -0.90 -2.76 -1.59
C GLY A 41 -0.92 -4.05 -2.44
N GLN A 42 -2.11 -4.63 -2.69
CA GLN A 42 -2.23 -5.78 -3.50
C GLN A 42 -3.11 -5.52 -4.71
N SER A 43 -3.04 -6.44 -5.64
CA SER A 43 -3.89 -6.39 -6.84
C SER A 43 -5.28 -6.88 -6.45
N PRO A 44 -6.25 -6.62 -7.28
CA PRO A 44 -7.57 -7.20 -7.03
C PRO A 44 -7.52 -8.70 -7.07
N LYS A 45 -8.44 -9.31 -6.34
CA LYS A 45 -8.58 -10.74 -6.29
C LYS A 45 -10.05 -11.06 -6.55
N LEU A 46 -10.25 -11.99 -7.47
CA LEU A 46 -11.65 -12.44 -7.73
C LEU A 46 -12.23 -13.26 -6.56
N LEU A 47 -13.39 -12.84 -6.04
CA LEU A 47 -14.18 -13.65 -5.08
C LEU A 47 -15.40 -14.36 -5.66
N ILE A 48 -16.22 -13.59 -6.37
CA ILE A 48 -17.54 -14.07 -6.81
C ILE A 48 -17.70 -13.73 -8.26
N TYR A 49 -18.11 -14.72 -9.06
CA TYR A 49 -18.44 -14.51 -10.47
C TYR A 49 -19.92 -14.94 -10.78
N SER A 50 -20.48 -14.29 -11.81
CA SER A 50 -21.86 -14.52 -12.28
C SER A 50 -22.80 -14.45 -11.09
N ALA A 51 -22.61 -13.38 -10.31
CA ALA A 51 -23.46 -12.95 -9.21
C ALA A 51 -23.37 -13.79 -7.97
N SER A 52 -23.17 -15.11 -8.12
CA SER A 52 -23.31 -15.98 -6.98
C SER A 52 -22.37 -17.16 -6.81
N ASN A 53 -21.35 -17.28 -7.66
CA ASN A 53 -20.43 -18.39 -7.73
C ASN A 53 -19.13 -18.05 -7.08
N ARG A 54 -18.74 -18.81 -6.07
CA ARG A 54 -17.46 -18.57 -5.48
C ARG A 54 -16.38 -19.05 -6.39
N TYR A 55 -15.35 -18.24 -6.55
CA TYR A 55 -14.21 -18.61 -7.40
C TYR A 55 -13.56 -20.02 -7.19
N SER A 56 -12.27 -20.13 -6.94
CA SER A 56 -11.53 -21.33 -6.52
C SER A 56 -10.75 -20.79 -5.36
N GLY A 57 -10.78 -21.48 -4.24
CA GLY A 57 -10.03 -21.07 -3.08
C GLY A 57 -10.77 -20.10 -2.19
N VAL A 58 -11.88 -19.54 -2.68
CA VAL A 58 -12.58 -18.54 -1.89
C VAL A 58 -13.35 -19.19 -0.71
N PRO A 59 -13.08 -18.72 0.53
CA PRO A 59 -13.75 -19.29 1.73
C PRO A 59 -15.24 -19.12 1.77
N ASP A 60 -15.93 -20.05 2.44
CA ASP A 60 -17.39 -20.09 2.45
C ASP A 60 -18.06 -18.90 3.06
N ARG A 61 -17.39 -18.12 3.89
CA ARG A 61 -18.05 -16.95 4.50
C ARG A 61 -18.38 -15.87 3.45
N PHE A 62 -17.81 -15.99 2.22
CA PHE A 62 -18.08 -15.02 1.14
C PHE A 62 -19.17 -15.59 0.26
N THR A 63 -20.22 -14.81 0.07
CA THR A 63 -21.30 -15.16 -0.82
C THR A 63 -21.77 -13.95 -1.61
N GLY A 64 -22.38 -14.21 -2.78
CA GLY A 64 -23.07 -13.16 -3.53
C GLY A 64 -24.49 -13.62 -3.97
N SER A 65 -25.39 -12.69 -4.20
CA SER A 65 -26.70 -12.98 -4.77
C SER A 65 -27.25 -11.80 -5.56
N GLY A 66 -28.27 -12.09 -6.35
CA GLY A 66 -28.97 -11.06 -7.10
C GLY A 66 -29.14 -11.47 -8.55
N TYR A 67 -30.14 -10.82 -9.18
CA TYR A 67 -30.45 -11.01 -10.59
C TYR A 67 -31.24 -9.84 -11.07
N GLY A 68 -30.80 -9.26 -12.18
CA GLY A 68 -31.42 -8.08 -12.75
C GLY A 68 -30.69 -6.84 -12.41
N THR A 69 -31.11 -6.14 -11.37
CA THR A 69 -30.48 -4.90 -10.99
C THR A 69 -29.90 -4.79 -9.59
N ALA A 70 -30.36 -5.58 -8.60
CA ALA A 70 -29.99 -5.37 -7.19
C ALA A 70 -29.11 -6.60 -6.80
N PHE A 71 -27.82 -6.34 -6.53
CA PHE A 71 -26.85 -7.37 -6.25
C PHE A 71 -26.29 -7.15 -4.82
N THR A 72 -26.05 -8.27 -4.13
CA THR A 72 -25.63 -8.25 -2.75
C THR A 72 -24.34 -9.13 -2.67
N PHE A 73 -23.41 -8.74 -1.81
CA PHE A 73 -22.24 -9.53 -1.43
C PHE A 73 -22.18 -9.51 0.10
N THR A 74 -21.97 -10.64 0.66
CA THR A 74 -22.02 -10.83 2.09
C THR A 74 -20.80 -11.53 2.59
N ILE A 75 -20.30 -11.07 3.72
CA ILE A 75 -19.38 -11.84 4.49
C ILE A 75 -20.11 -12.21 5.82
N SER A 76 -20.34 -13.48 5.95
CA SER A 76 -21.06 -14.15 7.06
C SER A 76 -20.60 -13.73 8.39
N THR A 77 -19.31 -13.97 8.56
CA THR A 77 -18.61 -13.79 9.78
C THR A 77 -17.23 -13.18 9.40
N VAL A 78 -17.10 -11.87 9.53
CA VAL A 78 -15.88 -11.07 9.21
C VAL A 78 -14.71 -11.53 10.04
N GLN A 79 -13.60 -11.79 9.37
CA GLN A 79 -12.35 -12.09 10.09
C GLN A 79 -11.41 -10.91 10.01
N ALA A 80 -10.45 -10.81 10.94
CA ALA A 80 -9.48 -9.71 10.92
C ALA A 80 -8.82 -9.46 9.54
N GLU A 81 -8.49 -10.52 8.87
CA GLU A 81 -7.73 -10.43 7.65
C GLU A 81 -8.61 -10.03 6.49
N ASP A 82 -9.89 -9.85 6.73
CA ASP A 82 -10.79 -9.40 5.61
C ASP A 82 -10.78 -7.95 5.38
N LEU A 83 -9.98 -7.20 6.14
CA LEU A 83 -9.77 -5.79 5.91
C LEU A 83 -9.34 -5.62 4.42
N ALA A 84 -10.08 -4.78 3.67
CA ALA A 84 -9.90 -4.64 2.23
C ALA A 84 -10.90 -3.65 1.70
N VAL A 85 -10.69 -3.31 0.43
CA VAL A 85 -11.70 -2.67 -0.38
C VAL A 85 -12.37 -3.75 -1.19
N TYR A 86 -13.68 -3.75 -1.24
CA TYR A 86 -14.46 -4.67 -2.03
C TYR A 86 -15.18 -3.86 -3.08
N PHE A 87 -15.26 -4.39 -4.28
CA PHE A 87 -16.03 -3.79 -5.28
C PHE A 87 -16.61 -4.75 -6.30
N CYS A 88 -17.74 -4.24 -6.84
CA CYS A 88 -18.45 -4.92 -7.87
C CYS A 88 -18.01 -4.48 -9.27
N GLN A 89 -18.32 -5.28 -10.26
CA GLN A 89 -18.08 -4.94 -11.64
C GLN A 89 -19.23 -5.60 -12.42
N GLN A 90 -19.63 -4.92 -13.49
CA GLN A 90 -20.59 -5.50 -14.42
C GLN A 90 -19.83 -5.87 -15.66
N ASP A 91 -19.98 -5.12 -16.74
CA ASP A 91 -19.08 -5.34 -17.89
C ASP A 91 -17.70 -4.76 -17.54
N TYR A 92 -16.75 -4.98 -18.43
CA TYR A 92 -15.32 -4.74 -18.07
C TYR A 92 -15.06 -3.33 -17.60
N SER A 93 -15.82 -2.26 -18.07
CA SER A 93 -15.53 -0.93 -17.73
C SER A 93 -16.45 -0.40 -16.67
N SER A 94 -17.40 -1.21 -16.11
CA SER A 94 -18.38 -0.71 -15.14
C SER A 94 -18.10 -1.22 -13.79
N PHE A 95 -17.42 -0.42 -12.97
CA PHE A 95 -17.17 -0.72 -11.57
C PHE A 95 -17.97 0.03 -10.55
N GLY A 96 -18.36 -0.64 -9.46
CA GLY A 96 -18.85 0.09 -8.32
C GLY A 96 -17.78 0.90 -7.68
N GLY A 97 -18.20 1.90 -6.88
CA GLY A 97 -17.25 2.82 -6.28
C GLY A 97 -16.45 2.25 -5.13
N GLY A 98 -16.75 1.03 -4.70
CA GLY A 98 -15.99 0.38 -3.64
C GLY A 98 -16.50 0.62 -2.23
N THR A 99 -16.20 -0.36 -1.37
CA THR A 99 -16.53 -0.34 0.05
C THR A 99 -15.25 -0.66 0.81
N LYS A 100 -14.82 0.27 1.68
CA LYS A 100 -13.67 -0.01 2.54
C LYS A 100 -14.15 -0.59 3.83
N LEU A 101 -13.72 -1.82 4.07
CA LEU A 101 -14.07 -2.57 5.27
C LEU A 101 -12.98 -2.40 6.27
N GLU A 102 -13.31 -1.71 7.35
CA GLU A 102 -12.40 -1.45 8.46
C GLU A 102 -12.88 -2.20 9.71
N ILE A 103 -11.95 -2.55 10.57
CA ILE A 103 -12.26 -3.42 11.71
C ILE A 103 -12.28 -2.58 12.98
N LYS A 104 -13.34 -2.72 13.81
CA LYS A 104 -13.23 -2.22 15.14
C LYS A 104 -12.92 -3.31 16.08
N ARG A 105 -12.16 -2.95 17.09
CA ARG A 105 -11.72 -3.89 18.13
C ARG A 105 -11.65 -3.10 19.46
N ALA A 106 -11.28 -3.82 20.55
CA ALA A 106 -11.13 -3.17 21.87
C ALA A 106 -10.04 -2.14 21.84
N ASP A 107 -10.24 -1.03 22.52
CA ASP A 107 -9.22 0.01 22.63
C ASP A 107 -7.92 -0.58 23.18
N ALA A 108 -6.79 -0.07 22.65
CA ALA A 108 -5.46 -0.55 23.05
C ALA A 108 -4.50 0.60 23.09
N ALA A 109 -3.71 0.69 24.19
CA ALA A 109 -2.79 1.75 24.36
C ALA A 109 -1.50 1.49 23.57
N PRO A 110 -0.85 2.57 23.17
CA PRO A 110 0.42 2.31 22.37
C PRO A 110 1.62 1.91 23.24
N THR A 111 2.58 1.20 22.62
CA THR A 111 3.92 0.99 23.16
C THR A 111 4.78 2.01 22.43
N VAL A 112 5.57 2.79 23.15
CA VAL A 112 6.31 3.93 22.60
C VAL A 112 7.82 3.59 22.58
N SER A 113 8.50 3.94 21.49
CA SER A 113 9.98 3.85 21.43
C SER A 113 10.52 5.12 20.85
N ILE A 114 11.70 5.53 21.30
CA ILE A 114 12.35 6.72 20.76
C ILE A 114 13.70 6.37 20.18
N PHE A 115 14.02 6.98 19.04
CA PHE A 115 15.25 6.71 18.31
C PHE A 115 16.05 7.98 17.97
N PRO A 116 17.26 8.06 18.49
CA PRO A 116 18.10 9.20 18.06
C PRO A 116 18.56 9.08 16.62
N PRO A 117 18.95 10.21 16.05
CA PRO A 117 19.60 10.12 14.72
C PRO A 117 20.80 9.16 14.68
N SER A 118 21.03 8.61 13.49
CA SER A 118 22.11 7.70 13.24
C SER A 118 23.36 8.56 12.87
N SER A 119 24.51 7.98 13.01
CA SER A 119 25.79 8.61 12.64
C SER A 119 25.81 8.87 11.15
N GLU A 120 25.24 7.95 10.38
CA GLU A 120 25.12 8.10 8.93
C GLU A 120 24.36 9.32 8.54
N GLN A 121 23.18 9.55 9.12
CA GLN A 121 22.43 10.72 8.71
C GLN A 121 23.12 12.01 9.14
N LEU A 122 23.76 11.97 10.33
CA LEU A 122 24.45 13.17 10.84
C LEU A 122 25.56 13.66 9.86
N THR A 123 26.25 12.68 9.31
CA THR A 123 27.30 12.92 8.31
C THR A 123 26.71 13.63 7.09
N SER A 124 25.49 13.28 6.71
CA SER A 124 24.78 14.00 5.63
C SER A 124 24.27 15.42 5.96
N GLY A 125 24.41 15.92 7.23
CA GLY A 125 23.90 17.23 7.63
C GLY A 125 22.52 17.26 8.22
N GLY A 126 21.98 16.07 8.45
CA GLY A 126 20.63 15.91 8.87
C GLY A 126 20.55 15.14 10.21
N ALA A 127 19.45 15.33 10.87
CA ALA A 127 19.20 14.60 12.13
C ALA A 127 17.68 14.45 12.31
N SER A 128 17.22 13.24 12.05
CA SER A 128 15.85 12.88 12.31
C SER A 128 15.78 12.13 13.64
N VAL A 129 14.87 12.57 14.51
CA VAL A 129 14.57 11.84 15.75
C VAL A 129 13.20 11.21 15.54
N VAL A 130 13.04 9.93 15.83
CA VAL A 130 11.80 9.22 15.60
C VAL A 130 11.18 8.72 16.88
N CYS A 131 9.87 8.99 17.02
CA CYS A 131 9.05 8.43 18.07
C CYS A 131 8.08 7.47 17.43
N PHE A 132 8.16 6.23 17.79
CA PHE A 132 7.30 5.19 17.24
C PHE A 132 6.25 4.69 18.24
N LEU A 133 4.96 4.71 17.82
CA LEU A 133 3.83 4.36 18.68
C LEU A 133 3.23 3.11 18.08
N ASN A 134 3.32 2.01 18.79
CA ASN A 134 3.03 0.72 18.19
C ASN A 134 1.79 0.07 18.80
N ASN A 135 0.94 -0.43 17.93
CA ASN A 135 -0.14 -1.36 18.23
C ASN A 135 -1.23 -0.80 19.11
N PHE A 136 -1.86 0.31 18.67
CA PHE A 136 -2.86 1.01 19.46
C PHE A 136 -4.21 0.96 18.67
N TYR A 137 -5.29 1.23 19.37
CA TYR A 137 -6.61 1.30 18.73
C TYR A 137 -7.48 2.20 19.64
N PRO A 138 -8.16 3.22 19.09
CA PRO A 138 -8.32 3.57 17.68
C PRO A 138 -7.19 4.35 17.11
N LYS A 139 -7.35 4.74 15.85
CA LYS A 139 -6.25 5.32 15.12
C LYS A 139 -5.79 6.67 15.60
N ASP A 140 -6.70 7.50 16.09
CA ASP A 140 -6.36 8.82 16.48
C ASP A 140 -5.38 8.83 17.70
N ILE A 141 -4.37 9.68 17.58
CA ILE A 141 -3.27 9.74 18.61
C ILE A 141 -2.51 11.03 18.45
N ASN A 142 -1.94 11.55 19.57
CA ASN A 142 -1.20 12.74 19.55
C ASN A 142 0.24 12.57 20.05
N VAL A 143 1.16 13.30 19.45
CA VAL A 143 2.54 13.31 19.88
C VAL A 143 3.03 14.71 20.07
N LYS A 144 3.66 15.02 21.21
CA LYS A 144 4.24 16.29 21.51
C LYS A 144 5.73 16.05 21.72
N TRP A 145 6.56 16.78 21.00
CA TRP A 145 7.99 16.82 21.10
C TRP A 145 8.48 17.99 21.97
N LYS A 146 9.48 17.74 22.82
CA LYS A 146 10.17 18.79 23.57
C LYS A 146 11.63 18.67 23.34
N ILE A 147 12.27 19.80 23.13
CA ILE A 147 13.68 19.87 23.03
C ILE A 147 14.19 20.75 24.13
N ASP A 148 15.12 20.25 24.90
CA ASP A 148 15.59 20.96 26.13
C ASP A 148 14.42 21.43 26.93
N GLY A 149 13.38 20.62 26.98
CA GLY A 149 12.18 20.86 27.73
C GLY A 149 11.20 21.87 27.19
N SER A 150 11.49 22.43 26.02
CA SER A 150 10.60 23.35 25.28
C SER A 150 9.89 22.63 24.12
N GLU A 151 8.57 22.77 24.08
CA GLU A 151 7.78 22.25 22.97
C GLU A 151 8.32 22.66 21.62
N ARG A 152 8.32 21.72 20.69
CA ARG A 152 8.83 21.95 19.35
C ARG A 152 7.83 21.35 18.40
N GLN A 153 7.29 22.18 17.49
CA GLN A 153 6.29 21.73 16.51
C GLN A 153 6.82 21.69 15.08
N ASN A 154 7.75 22.58 14.77
CA ASN A 154 8.33 22.61 13.45
C ASN A 154 9.30 21.47 13.18
N GLY A 155 9.16 20.83 12.03
CA GLY A 155 10.06 19.77 11.66
C GLY A 155 9.48 18.39 11.91
N VAL A 156 8.26 18.36 12.42
CA VAL A 156 7.57 17.08 12.74
C VAL A 156 6.72 16.62 11.59
N LEU A 157 6.86 15.34 11.21
CA LEU A 157 6.01 14.67 10.20
C LEU A 157 5.48 13.42 10.88
N ASN A 158 4.16 13.21 10.76
CA ASN A 158 3.49 12.05 11.32
C ASN A 158 2.97 11.14 10.24
N SER A 159 3.03 9.84 10.43
CA SER A 159 2.50 8.92 9.44
C SER A 159 2.10 7.64 10.05
N TRP A 160 0.93 7.06 9.63
CA TRP A 160 0.43 5.82 10.18
C TRP A 160 0.57 4.61 9.28
N THR A 161 0.55 3.42 9.85
CA THR A 161 0.38 2.20 9.14
C THR A 161 -1.07 2.01 8.74
N ASP A 162 -1.28 1.12 7.83
CA ASP A 162 -2.65 0.64 7.60
C ASP A 162 -3.00 -0.22 8.80
N GLN A 163 -4.28 -0.46 9.02
CA GLN A 163 -4.70 -1.34 10.05
C GLN A 163 -4.09 -2.74 9.87
N ASP A 164 -3.61 -3.34 10.95
CA ASP A 164 -3.03 -4.66 10.94
C ASP A 164 -3.98 -5.81 10.59
N SER A 165 -3.57 -6.67 9.65
CA SER A 165 -4.32 -7.83 9.16
C SER A 165 -4.70 -8.85 10.23
N LYS A 166 -3.85 -9.01 11.24
CA LYS A 166 -4.03 -10.00 12.25
C LYS A 166 -4.62 -9.48 13.54
N ASP A 167 -4.17 -8.33 14.02
CA ASP A 167 -4.58 -7.75 15.34
C ASP A 167 -5.45 -6.54 15.27
N SER A 168 -5.65 -5.99 14.09
CA SER A 168 -6.52 -4.84 13.86
C SER A 168 -6.10 -3.59 14.54
N THR A 169 -4.83 -3.51 14.97
CA THR A 169 -4.35 -2.24 15.55
C THR A 169 -3.62 -1.41 14.48
N TYR A 170 -3.34 -0.17 14.82
CA TYR A 170 -2.56 0.81 14.08
C TYR A 170 -1.23 1.05 14.80
N SER A 171 -0.24 1.43 13.99
CA SER A 171 0.99 2.00 14.52
C SER A 171 1.29 3.29 13.80
N MET A 172 2.15 4.15 14.35
CA MET A 172 2.47 5.40 13.71
C MET A 172 3.87 5.80 14.11
N SER A 173 4.53 6.58 13.21
CA SER A 173 5.76 7.25 13.53
C SER A 173 5.62 8.74 13.49
N SER A 174 6.30 9.41 14.43
CA SER A 174 6.40 10.87 14.49
C SER A 174 7.86 11.13 14.35
N THR A 175 8.27 11.90 13.33
CA THR A 175 9.65 12.14 13.01
C THR A 175 9.91 13.61 13.01
N LEU A 176 10.81 14.00 13.88
CA LEU A 176 11.27 15.36 14.05
C LEU A 176 12.60 15.48 13.32
N THR A 177 12.63 16.29 12.21
CA THR A 177 13.84 16.42 11.42
C THR A 177 14.40 17.80 11.57
N LEU A 178 15.65 17.79 12.01
CA LEU A 178 16.45 18.98 12.24
C LEU A 178 17.73 18.89 11.33
N THR A 179 18.45 20.01 11.20
CA THR A 179 19.77 19.94 10.73
C THR A 179 20.66 19.40 11.79
N LYS A 180 21.74 18.80 11.41
CA LYS A 180 22.76 18.39 12.34
C LYS A 180 23.14 19.55 13.29
N ASP A 181 23.35 20.74 12.74
CA ASP A 181 23.72 21.85 13.60
C ASP A 181 22.66 22.12 14.65
N GLU A 182 21.39 22.11 14.27
CA GLU A 182 20.38 22.44 15.22
C GLU A 182 20.35 21.33 16.33
N TYR A 183 20.50 20.09 15.89
CA TYR A 183 20.41 18.94 16.82
C TYR A 183 21.50 19.04 17.86
N GLU A 184 22.63 19.62 17.45
CA GLU A 184 23.81 19.51 18.27
C GLU A 184 23.87 20.68 19.22
N ARG A 185 22.91 21.60 19.07
CA ARG A 185 22.75 22.77 19.90
C ARG A 185 21.93 22.43 21.14
N HIS A 186 21.28 21.26 21.17
CA HIS A 186 20.43 20.90 22.31
C HIS A 186 20.80 19.51 22.78
N ASN A 187 20.38 19.19 24.00
CA ASN A 187 20.73 17.87 24.58
C ASN A 187 19.51 16.94 24.85
N SER A 188 18.45 17.43 25.48
CA SER A 188 17.38 16.54 25.86
C SER A 188 16.31 16.51 24.77
N TYR A 189 15.88 15.30 24.40
CA TYR A 189 14.84 15.10 23.45
C TYR A 189 13.74 14.23 24.05
N THR A 190 12.52 14.71 24.02
CA THR A 190 11.43 13.98 24.62
C THR A 190 10.25 13.92 23.66
N CYS A 191 9.61 12.79 23.57
CA CYS A 191 8.30 12.67 22.98
C CYS A 191 7.24 12.13 23.98
N GLU A 192 6.02 12.63 23.84
CA GLU A 192 4.94 12.32 24.73
C GLU A 192 3.75 11.91 23.93
N ALA A 193 3.26 10.69 24.10
CA ALA A 193 2.12 10.20 23.38
C ALA A 193 0.86 10.25 24.22
N THR A 194 -0.22 10.82 23.65
CA THR A 194 -1.50 10.75 24.33
C THR A 194 -2.53 10.15 23.43
N HIS A 195 -3.25 9.17 23.97
CA HIS A 195 -4.24 8.34 23.29
C HIS A 195 -5.47 8.31 24.18
N LYS A 196 -6.63 8.00 23.58
CA LYS A 196 -7.90 8.03 24.38
C LYS A 196 -8.00 6.99 25.50
N THR A 197 -7.14 5.99 25.48
CA THR A 197 -6.98 4.98 26.48
C THR A 197 -6.53 5.53 27.84
N SER A 198 -6.07 6.77 27.89
CA SER A 198 -5.68 7.43 29.15
C SER A 198 -5.47 8.91 29.02
N THR A 199 -5.88 9.68 30.06
CA THR A 199 -5.55 11.07 30.15
C THR A 199 -4.07 11.31 30.46
N SER A 200 -3.39 10.24 30.90
CA SER A 200 -1.96 10.28 31.13
C SER A 200 -1.16 10.01 29.84
N PRO A 201 -0.17 10.83 29.63
CA PRO A 201 0.67 10.53 28.50
C PRO A 201 1.68 9.43 28.82
N ILE A 202 2.30 8.93 27.74
CA ILE A 202 3.40 8.01 27.75
C ILE A 202 4.57 8.76 27.18
N VAL A 203 5.65 8.80 27.95
CA VAL A 203 6.86 9.53 27.61
C VAL A 203 8.07 8.63 27.32
N LYS A 204 8.81 9.05 26.33
CA LYS A 204 10.15 8.53 26.10
C LYS A 204 11.10 9.67 25.86
N SER A 205 12.33 9.47 26.31
CA SER A 205 13.32 10.54 26.26
C SER A 205 14.76 9.99 26.05
N PHE A 206 15.66 10.86 25.55
CA PHE A 206 17.07 10.59 25.59
C PHE A 206 17.87 11.89 25.65
N ASN A 207 19.17 11.74 25.95
CA ASN A 207 20.05 12.90 25.90
C ASN A 207 21.10 12.64 24.86
N ARG A 208 21.29 13.62 23.99
CA ARG A 208 22.27 13.49 22.91
C ARG A 208 23.66 13.18 23.41
N ASN A 209 24.04 13.78 24.56
CA ASN A 209 25.38 13.54 25.05
C ASN A 209 25.63 12.14 25.56
N GLU A 210 24.55 11.33 25.71
CA GLU A 210 24.68 9.99 26.23
C GLU A 210 24.69 9.02 25.07
N CYS A 211 24.41 9.57 23.86
CA CYS A 211 23.95 8.85 22.62
C CYS A 211 24.81 9.16 21.41
N GLN B 1 1.25 -22.90 -13.62
CA GLN B 1 0.55 -21.81 -12.93
C GLN B 1 0.70 -20.56 -13.77
N VAL B 2 -0.28 -19.66 -13.67
CA VAL B 2 -0.30 -18.40 -14.46
C VAL B 2 0.28 -17.21 -13.75
N GLN B 3 1.04 -16.43 -14.51
CA GLN B 3 1.60 -15.21 -14.02
C GLN B 3 1.53 -14.17 -15.10
N LEU B 4 1.01 -13.01 -14.73
CA LEU B 4 1.14 -11.80 -15.53
C LEU B 4 2.06 -10.85 -14.87
N LYS B 5 2.92 -10.22 -15.64
CA LYS B 5 3.87 -9.35 -15.08
C LYS B 5 4.07 -8.09 -15.89
N GLU B 6 3.76 -6.91 -15.34
CA GLU B 6 3.98 -5.63 -15.96
C GLU B 6 5.37 -5.13 -15.76
N SER B 7 5.87 -4.42 -16.76
CA SER B 7 7.11 -3.68 -16.72
C SER B 7 6.89 -2.37 -17.42
N GLY B 8 7.42 -1.33 -16.79
CA GLY B 8 7.16 0.03 -17.19
C GLY B 8 8.18 1.00 -16.65
N PRO B 9 8.06 2.29 -17.03
CA PRO B 9 9.13 3.25 -16.67
C PRO B 9 9.20 3.86 -15.25
N GLY B 10 8.14 3.82 -14.46
CA GLY B 10 8.09 4.52 -13.19
C GLY B 10 7.72 5.99 -13.25
N LEU B 11 8.45 6.78 -14.06
CA LEU B 11 8.24 8.21 -14.14
C LEU B 11 8.05 8.56 -15.66
N VAL B 12 7.08 9.36 -15.96
CA VAL B 12 6.86 9.88 -17.32
C VAL B 12 6.71 11.35 -17.22
N ALA B 13 7.32 12.10 -18.15
CA ALA B 13 7.15 13.56 -18.12
C ALA B 13 5.80 14.01 -18.77
N PRO B 14 5.17 15.08 -18.27
CA PRO B 14 3.95 15.60 -18.84
C PRO B 14 4.16 15.82 -20.35
N SER B 15 3.14 15.36 -21.09
CA SER B 15 2.96 15.51 -22.52
C SER B 15 3.64 14.40 -23.22
N GLN B 16 4.41 13.56 -22.49
CA GLN B 16 5.11 12.43 -23.15
C GLN B 16 4.26 11.17 -23.07
N SER B 17 4.76 10.11 -23.68
CA SER B 17 4.07 8.81 -23.83
C SER B 17 4.43 7.87 -22.72
N LEU B 18 3.50 6.95 -22.44
CA LEU B 18 3.76 5.79 -21.56
C LEU B 18 3.74 4.53 -22.39
N SER B 19 4.75 3.69 -22.24
CA SER B 19 4.81 2.35 -22.81
C SER B 19 5.02 1.32 -21.71
N ILE B 20 4.08 0.40 -21.57
CA ILE B 20 4.17 -0.78 -20.67
C ILE B 20 3.98 -2.13 -21.36
N THR B 21 4.69 -3.15 -20.88
CA THR B 21 4.60 -4.48 -21.37
C THR B 21 4.09 -5.41 -20.29
N CYS B 22 3.20 -6.28 -20.65
CA CYS B 22 2.72 -7.38 -19.81
C CYS B 22 3.28 -8.69 -20.42
N THR B 23 4.01 -9.45 -19.61
CA THR B 23 4.54 -10.73 -20.04
C THR B 23 3.73 -11.85 -19.42
N VAL B 24 3.25 -12.77 -20.23
CA VAL B 24 2.37 -13.85 -19.81
C VAL B 24 3.08 -15.23 -19.73
N SER B 25 2.89 -15.97 -18.63
CA SER B 25 3.11 -17.47 -18.60
C SER B 25 1.92 -18.23 -18.12
N GLY B 26 1.74 -19.47 -18.58
CA GLY B 26 0.67 -20.33 -18.11
C GLY B 26 -0.51 -20.39 -19.02
N PHE B 27 -0.59 -19.43 -19.93
CA PHE B 27 -1.53 -19.53 -21.03
C PHE B 27 -0.97 -18.78 -22.24
N SER B 28 -1.58 -19.10 -23.38
CA SER B 28 -1.20 -18.56 -24.65
C SER B 28 -2.02 -17.30 -24.93
N VAL B 29 -1.36 -16.19 -25.15
CA VAL B 29 -2.01 -14.96 -25.60
C VAL B 29 -2.66 -15.11 -26.97
N THR B 30 -2.31 -16.18 -27.70
CA THR B 30 -2.98 -16.48 -28.95
C THR B 30 -4.40 -16.88 -28.73
N ASN B 31 -4.73 -17.33 -27.54
CA ASN B 31 -6.01 -17.96 -27.28
C ASN B 31 -6.90 -17.20 -26.30
N TYR B 32 -6.37 -16.18 -25.67
CA TYR B 32 -7.08 -15.50 -24.53
C TYR B 32 -6.87 -14.02 -24.68
N GLY B 33 -7.86 -13.22 -24.31
CA GLY B 33 -7.69 -11.76 -24.34
C GLY B 33 -7.04 -11.23 -23.08
N VAL B 34 -6.38 -10.09 -23.22
CA VAL B 34 -5.60 -9.46 -22.11
C VAL B 34 -6.03 -8.03 -22.08
N HIS B 35 -6.36 -7.57 -20.87
CA HIS B 35 -6.90 -6.24 -20.62
C HIS B 35 -5.92 -5.39 -19.87
N TRP B 36 -6.06 -4.08 -19.98
CA TRP B 36 -5.37 -3.10 -19.20
C TRP B 36 -6.36 -2.35 -18.36
N VAL B 37 -6.00 -2.18 -17.08
CA VAL B 37 -6.81 -1.52 -16.08
C VAL B 37 -5.88 -0.67 -15.23
N ARG B 38 -6.32 0.54 -14.85
CA ARG B 38 -5.45 1.33 -14.01
C ARG B 38 -6.24 1.77 -12.76
N GLN B 39 -5.43 2.26 -11.79
CA GLN B 39 -5.98 2.68 -10.49
C GLN B 39 -5.21 3.89 -9.93
N PRO B 40 -5.79 5.07 -10.15
CA PRO B 40 -5.16 6.25 -9.60
C PRO B 40 -5.11 6.15 -8.09
N PRO B 41 -4.17 6.86 -7.47
CA PRO B 41 -3.96 6.77 -6.03
C PRO B 41 -5.21 7.09 -5.25
N GLY B 42 -5.56 6.15 -4.40
CA GLY B 42 -6.74 6.22 -3.52
C GLY B 42 -8.06 6.20 -4.28
N LYS B 43 -8.04 5.67 -5.51
CA LYS B 43 -9.29 5.67 -6.29
C LYS B 43 -9.58 4.27 -6.73
N GLY B 44 -10.67 4.13 -7.46
CA GLY B 44 -11.09 2.84 -7.90
C GLY B 44 -10.44 2.43 -9.22
N LEU B 45 -10.83 1.28 -9.71
CA LEU B 45 -10.29 0.83 -11.00
C LEU B 45 -10.93 1.59 -12.18
N GLU B 46 -10.17 1.66 -13.27
CA GLU B 46 -10.58 2.27 -14.48
C GLU B 46 -10.12 1.39 -15.64
N TRP B 47 -11.02 0.76 -16.37
CA TRP B 47 -10.63 -0.10 -17.52
C TRP B 47 -10.20 0.69 -18.70
N LEU B 48 -9.09 0.30 -19.32
CA LEU B 48 -8.58 1.01 -20.45
C LEU B 48 -8.89 0.39 -21.80
N GLY B 49 -8.78 -0.93 -21.90
CA GLY B 49 -9.01 -1.65 -23.15
C GLY B 49 -8.57 -3.07 -23.08
N VAL B 50 -8.78 -3.76 -24.18
CA VAL B 50 -8.53 -5.20 -24.26
C VAL B 50 -8.05 -5.49 -25.66
N ILE B 51 -7.12 -6.42 -25.75
CA ILE B 51 -6.76 -7.07 -27.02
C ILE B 51 -7.12 -8.55 -26.96
N TRP B 52 -8.06 -8.93 -27.85
CA TRP B 52 -8.63 -10.28 -27.85
C TRP B 52 -7.70 -11.28 -28.56
N ALA B 53 -7.93 -12.56 -28.37
CA ALA B 53 -7.08 -13.63 -28.92
C ALA B 53 -6.75 -13.38 -30.36
N GLY B 54 -7.80 -13.13 -31.15
CA GLY B 54 -7.67 -12.82 -32.59
C GLY B 54 -7.09 -11.46 -32.99
N GLY B 55 -6.85 -10.57 -32.03
CA GLY B 55 -6.25 -9.29 -32.32
C GLY B 55 -7.18 -8.09 -32.31
N ILE B 56 -8.49 -8.33 -32.21
CA ILE B 56 -9.45 -7.19 -32.18
C ILE B 56 -9.14 -6.41 -30.87
N THR B 57 -9.14 -5.09 -30.94
CA THR B 57 -9.00 -4.27 -29.75
C THR B 57 -10.23 -3.50 -29.49
N ASN B 58 -10.58 -3.38 -28.21
CA ASN B 58 -11.64 -2.47 -27.79
C ASN B 58 -11.08 -1.60 -26.71
N TYR B 59 -11.47 -0.33 -26.76
CA TYR B 59 -10.97 0.64 -25.86
C TYR B 59 -12.07 1.34 -25.08
N ASN B 60 -11.69 1.91 -23.96
CA ASN B 60 -12.58 2.83 -23.20
C ASN B 60 -12.61 4.18 -23.95
N SER B 61 -13.81 4.67 -24.37
CA SER B 61 -13.86 5.96 -25.12
C SER B 61 -13.40 7.18 -24.35
N ALA B 62 -13.35 7.14 -23.03
CA ALA B 62 -12.81 8.30 -22.26
C ALA B 62 -11.35 8.59 -22.57
N PHE B 63 -10.71 7.66 -23.28
CA PHE B 63 -9.33 7.75 -23.71
C PHE B 63 -9.18 7.88 -25.20
N MET B 64 -10.29 8.27 -25.83
CA MET B 64 -10.52 8.21 -27.26
C MET B 64 -9.35 8.00 -28.26
N SER B 65 -8.53 9.03 -28.48
CA SER B 65 -7.47 8.91 -29.50
C SER B 65 -6.07 8.78 -28.89
N ARG B 66 -6.02 8.34 -27.63
CA ARG B 66 -4.81 8.39 -26.80
C ARG B 66 -4.18 7.06 -26.62
N LEU B 67 -4.90 5.96 -26.83
CA LEU B 67 -4.38 4.63 -26.45
C LEU B 67 -4.18 3.71 -27.59
N SER B 68 -3.12 2.87 -27.48
CA SER B 68 -2.83 1.80 -28.44
C SER B 68 -2.51 0.51 -27.68
N ILE B 69 -3.26 -0.57 -27.89
CA ILE B 69 -2.88 -1.84 -27.27
C ILE B 69 -2.51 -2.76 -28.43
N SER B 70 -1.42 -3.51 -28.28
CA SER B 70 -1.00 -4.45 -29.31
C SER B 70 -0.31 -5.61 -28.61
N LYS B 71 0.11 -6.61 -29.37
CA LYS B 71 0.77 -7.74 -28.77
C LYS B 71 1.71 -8.40 -29.74
N ASP B 72 2.61 -9.17 -29.19
CA ASP B 72 3.50 -10.08 -29.96
C ASP B 72 3.33 -11.47 -29.43
N ASN B 73 2.51 -12.27 -30.12
CA ASN B 73 2.18 -13.61 -29.67
C ASN B 73 3.41 -14.41 -29.49
N SER B 74 4.43 -14.17 -30.32
CA SER B 74 5.61 -15.01 -30.30
C SER B 74 6.46 -14.80 -29.03
N LYS B 75 6.26 -13.69 -28.32
CA LYS B 75 6.99 -13.35 -27.10
C LYS B 75 6.09 -13.45 -25.86
N SER B 76 4.84 -13.80 -26.09
CA SER B 76 3.83 -13.89 -25.02
C SER B 76 3.81 -12.49 -24.29
N GLN B 77 3.85 -11.43 -25.09
CA GLN B 77 3.83 -10.06 -24.56
C GLN B 77 2.66 -9.25 -25.11
N VAL B 78 2.07 -8.47 -24.23
CA VAL B 78 1.00 -7.53 -24.61
C VAL B 78 1.46 -6.13 -24.19
N PHE B 79 1.16 -5.10 -25.02
CA PHE B 79 1.74 -3.81 -24.87
C PHE B 79 0.67 -2.76 -24.72
N LEU B 80 0.93 -1.76 -23.88
CA LEU B 80 0.12 -0.57 -23.88
C LEU B 80 0.90 0.63 -24.18
N LYS B 81 0.35 1.51 -25.02
CA LYS B 81 0.96 2.77 -25.23
C LYS B 81 -0.11 3.86 -25.05
N MET B 82 0.20 4.85 -24.26
CA MET B 82 -0.76 5.90 -23.97
C MET B 82 -0.01 7.22 -24.19
N ASN B 83 -0.59 8.04 -25.20
CA ASN B 83 0.03 9.33 -25.46
C ASN B 83 -0.37 10.46 -24.55
N SER B 84 0.49 11.54 -24.57
CA SER B 84 0.07 12.85 -24.03
C SER B 84 -0.33 12.76 -22.55
N LEU B 85 0.57 12.11 -21.65
CA LEU B 85 0.22 12.03 -20.22
C LEU B 85 0.19 13.35 -19.48
N GLN B 86 -0.77 13.43 -18.57
CA GLN B 86 -0.84 14.53 -17.59
C GLN B 86 -0.92 13.99 -16.15
N ILE B 87 -1.00 14.88 -15.16
CA ILE B 87 -0.75 14.41 -13.79
C ILE B 87 -1.84 13.42 -13.34
N ASP B 88 -3.04 13.58 -13.87
CA ASP B 88 -4.16 12.69 -13.55
C ASP B 88 -4.04 11.27 -14.17
N ASP B 89 -2.99 11.03 -14.94
CA ASP B 89 -2.60 9.71 -15.44
C ASP B 89 -1.71 8.94 -14.49
N THR B 90 -1.28 9.63 -13.42
CA THR B 90 -0.53 8.96 -12.35
C THR B 90 -1.42 7.89 -11.73
N ALA B 91 -0.92 6.66 -11.73
CA ALA B 91 -1.71 5.46 -11.39
C ALA B 91 -0.89 4.21 -11.30
N MET B 92 -1.45 3.19 -10.68
CA MET B 92 -1.01 1.88 -10.85
C MET B 92 -1.62 1.33 -12.14
N TYR B 93 -0.80 0.68 -12.96
CA TYR B 93 -1.29 0.08 -14.20
C TYR B 93 -1.18 -1.44 -14.12
N TYR B 94 -2.29 -2.14 -14.38
CA TYR B 94 -2.39 -3.59 -14.35
C TYR B 94 -2.76 -4.16 -15.69
N CYS B 95 -2.24 -5.35 -15.93
CA CYS B 95 -2.76 -6.22 -16.96
C CYS B 95 -3.52 -7.32 -16.27
N ALA B 96 -4.52 -7.77 -16.97
CA ALA B 96 -5.48 -8.72 -16.43
C ALA B 96 -6.06 -9.62 -17.50
N SER B 97 -6.49 -10.81 -17.11
CA SER B 97 -7.03 -11.76 -18.04
C SER B 97 -7.99 -12.72 -17.31
N ARG B 98 -8.73 -13.54 -18.08
CA ARG B 98 -9.72 -14.43 -17.60
C ARG B 98 -9.37 -15.86 -18.08
N GLY B 99 -9.15 -16.75 -17.14
CA GLY B 99 -8.84 -18.14 -17.48
C GLY B 99 -9.97 -19.15 -17.54
N GLY B 100 -11.23 -18.73 -17.52
CA GLY B 100 -12.30 -19.71 -17.48
C GLY B 100 -13.62 -19.03 -17.79
N HIS B 101 -14.71 -19.78 -17.72
CA HIS B 101 -16.06 -19.25 -18.04
C HIS B 101 -16.64 -18.58 -16.83
N TYR B 102 -16.08 -17.39 -16.55
CA TYR B 102 -16.44 -16.58 -15.40
C TYR B 102 -17.23 -15.29 -15.78
N GLY B 103 -17.87 -15.35 -16.94
CA GLY B 103 -18.60 -14.14 -17.44
C GLY B 103 -17.55 -13.12 -17.61
N TYR B 104 -17.88 -11.76 -17.24
CA TYR B 104 -16.91 -10.68 -17.41
C TYR B 104 -15.80 -10.63 -16.34
N ALA B 105 -15.68 -11.54 -15.38
CA ALA B 105 -14.68 -11.51 -14.33
C ALA B 105 -13.29 -11.77 -14.85
N LEU B 106 -12.41 -11.00 -14.21
CA LEU B 106 -11.02 -11.29 -14.58
C LEU B 106 -10.39 -11.92 -13.36
N ASP B 107 -9.89 -13.17 -13.51
CA ASP B 107 -9.33 -13.83 -12.36
C ASP B 107 -7.81 -13.69 -12.26
N TYR B 108 -7.20 -13.37 -13.38
CA TYR B 108 -5.75 -13.19 -13.39
C TYR B 108 -5.36 -11.72 -13.45
N TRP B 109 -4.58 -11.29 -12.49
CA TRP B 109 -4.01 -9.92 -12.44
C TRP B 109 -2.53 -9.85 -12.19
N GLY B 110 -1.84 -9.01 -12.91
CA GLY B 110 -0.45 -8.70 -12.63
C GLY B 110 -0.27 -8.01 -11.28
N GLN B 111 0.97 -7.90 -10.80
CA GLN B 111 1.26 -7.16 -9.61
C GLN B 111 1.07 -5.61 -9.72
N GLY B 112 1.04 -5.13 -10.94
CA GLY B 112 0.92 -3.77 -11.28
C GLY B 112 2.23 -3.04 -11.39
N THR B 113 2.26 -2.02 -12.22
CA THR B 113 3.42 -1.12 -12.31
C THR B 113 3.01 0.28 -12.04
N SER B 114 3.70 0.96 -11.13
CA SER B 114 3.40 2.28 -10.78
C SER B 114 3.97 3.33 -11.72
N VAL B 115 3.13 4.23 -12.16
CA VAL B 115 3.45 5.36 -13.06
C VAL B 115 3.16 6.68 -12.40
N THR B 116 4.21 7.50 -12.34
CA THR B 116 4.01 8.83 -11.88
C THR B 116 4.32 9.80 -13.05
N VAL B 117 3.43 10.74 -13.24
CA VAL B 117 3.63 11.80 -14.26
C VAL B 117 4.04 13.03 -13.56
N SER B 118 5.24 13.45 -13.89
CA SER B 118 5.84 14.60 -13.26
C SER B 118 7.05 15.06 -14.06
N SER B 119 7.23 16.39 -13.97
CA SER B 119 8.37 17.14 -14.47
C SER B 119 9.59 17.01 -13.62
N ALA B 120 9.51 16.30 -12.49
CA ALA B 120 10.67 16.21 -11.61
C ALA B 120 11.57 15.01 -11.99
N SER B 121 12.52 14.69 -11.15
CA SER B 121 13.61 13.78 -11.48
C SER B 121 13.66 12.60 -10.50
N THR B 122 13.95 11.42 -11.03
CA THR B 122 14.01 10.20 -10.18
C THR B 122 15.16 10.37 -9.22
N LYS B 123 14.96 10.00 -7.96
CA LYS B 123 15.97 10.19 -6.94
C LYS B 123 15.90 8.98 -5.98
N GLY B 124 16.99 8.28 -5.82
CA GLY B 124 17.08 7.11 -4.95
C GLY B 124 16.99 7.52 -3.48
N PRO B 125 16.41 6.65 -2.65
CA PRO B 125 16.37 6.88 -1.21
C PRO B 125 17.71 6.73 -0.50
N SER B 126 17.84 7.46 0.59
CA SER B 126 18.85 7.19 1.62
C SER B 126 18.18 6.36 2.71
N VAL B 127 18.89 5.44 3.28
CA VAL B 127 18.30 4.59 4.36
C VAL B 127 19.16 4.68 5.63
N TYR B 128 18.54 5.01 6.76
CA TYR B 128 19.26 5.25 8.04
C TYR B 128 18.73 4.28 9.08
N PRO B 129 19.56 3.70 9.91
CA PRO B 129 19.16 2.74 10.95
C PRO B 129 18.45 3.48 12.07
N LEU B 130 17.45 2.85 12.64
CA LEU B 130 16.75 3.29 13.80
C LEU B 130 17.17 2.22 14.88
N VAL B 131 18.01 2.67 15.83
CA VAL B 131 18.62 1.76 16.79
C VAL B 131 18.35 2.34 18.15
N PRO B 132 17.99 1.50 19.08
CA PRO B 132 17.60 2.06 20.35
C PRO B 132 18.78 2.86 20.88
N GLY B 133 18.47 4.06 21.35
CA GLY B 133 19.43 4.95 21.88
C GLY B 133 19.82 4.55 23.29
N CYS B 134 20.81 3.67 23.37
CA CYS B 134 21.80 3.82 24.39
C CYS B 134 21.25 3.23 25.67
N THR B 137 19.23 -1.49 26.24
CA THR B 137 17.95 -1.24 26.90
C THR B 137 17.57 -2.44 27.76
N SER B 138 16.77 -2.19 28.80
CA SER B 138 15.99 -3.24 29.46
C SER B 138 14.81 -3.55 28.51
N GLY B 139 13.96 -4.49 28.89
CA GLY B 139 12.81 -4.86 28.06
C GLY B 139 12.98 -6.27 27.50
N SER B 140 11.89 -7.01 27.48
CA SER B 140 11.85 -8.34 26.81
C SER B 140 11.83 -8.27 25.26
N SER B 141 11.39 -7.14 24.70
CA SER B 141 11.51 -7.03 23.25
C SER B 141 12.33 -5.81 22.94
N VAL B 142 12.70 -5.67 21.68
CA VAL B 142 13.40 -4.53 21.20
C VAL B 142 12.79 -4.24 19.82
N THR B 143 12.58 -2.99 19.58
CA THR B 143 12.07 -2.53 18.31
C THR B 143 13.22 -1.80 17.58
N LEU B 144 13.35 -2.16 16.32
CA LEU B 144 14.47 -1.77 15.45
C LEU B 144 13.79 -1.19 14.18
N GLY B 145 14.49 -0.36 13.44
CA GLY B 145 13.86 0.18 12.23
C GLY B 145 14.78 0.72 11.18
N CYS B 146 14.22 1.06 10.04
CA CYS B 146 14.92 1.71 8.94
C CYS B 146 14.09 2.95 8.58
N LEU B 147 14.76 4.10 8.47
CA LEU B 147 14.18 5.37 8.04
C LEU B 147 14.66 5.61 6.60
N VAL B 148 13.68 5.75 5.71
CA VAL B 148 13.91 5.82 4.28
C VAL B 148 13.48 7.23 3.81
N LYS B 149 14.42 8.02 3.33
CA LYS B 149 14.11 9.41 3.02
C LYS B 149 14.64 9.84 1.65
N GLY B 150 14.01 10.89 1.16
CA GLY B 150 14.48 11.59 -0.01
C GLY B 150 14.27 11.00 -1.36
N TYR B 151 13.31 10.13 -1.51
CA TYR B 151 13.13 9.44 -2.80
C TYR B 151 11.97 9.99 -3.61
N PHE B 152 12.08 9.74 -4.92
CA PHE B 152 11.07 10.15 -5.83
C PHE B 152 11.24 9.32 -7.09
N PRO B 153 10.14 8.88 -7.71
CA PRO B 153 8.76 8.81 -7.34
C PRO B 153 8.56 7.66 -6.35
N GLU B 154 7.32 7.47 -5.99
CA GLU B 154 6.92 6.22 -5.32
C GLU B 154 6.97 5.09 -6.32
N PRO B 155 7.09 3.86 -5.82
CA PRO B 155 7.14 3.46 -4.42
C PRO B 155 8.49 2.98 -3.99
N VAL B 156 8.60 2.74 -2.68
CA VAL B 156 9.65 1.88 -2.24
C VAL B 156 9.00 0.69 -1.50
N THR B 157 9.75 -0.40 -1.41
CA THR B 157 9.33 -1.48 -0.49
C THR B 157 10.39 -1.80 0.49
N VAL B 158 9.97 -2.25 1.68
CA VAL B 158 10.90 -2.60 2.70
C VAL B 158 10.57 -4.00 3.20
N LYS B 159 11.59 -4.83 3.22
CA LYS B 159 11.53 -6.15 3.84
C LYS B 159 12.57 -6.26 4.95
N TRP B 160 12.43 -7.29 5.80
CA TRP B 160 13.35 -7.54 6.92
C TRP B 160 13.86 -8.96 6.75
N ASN B 161 15.16 -9.05 6.82
CA ASN B 161 15.93 -10.33 6.56
C ASN B 161 15.38 -11.00 5.30
N TYR B 162 15.35 -10.21 4.23
CA TYR B 162 14.88 -10.66 2.90
C TYR B 162 13.46 -11.22 2.90
N GLY B 163 12.59 -10.88 3.85
CA GLY B 163 11.22 -11.36 3.89
C GLY B 163 10.95 -12.44 4.94
N ALA B 164 12.03 -12.99 5.43
CA ALA B 164 11.95 -14.03 6.44
C ALA B 164 11.45 -13.54 7.79
N LEU B 165 11.75 -12.29 8.11
CA LEU B 165 11.25 -11.70 9.33
C LEU B 165 10.00 -10.88 8.91
N SER B 166 8.82 -11.42 9.22
CA SER B 166 7.51 -10.83 8.82
C SER B 166 6.59 -10.48 9.96
N SER B 167 6.64 -11.25 11.04
CA SER B 167 5.76 -10.96 12.14
C SER B 167 6.31 -9.75 12.84
N GLY B 168 5.43 -8.86 13.22
CA GLY B 168 5.86 -7.72 14.01
C GLY B 168 6.44 -6.56 13.16
N VAL B 169 6.31 -6.64 11.86
CA VAL B 169 6.81 -5.54 10.90
C VAL B 169 5.72 -4.53 10.73
N ARG B 170 6.10 -3.30 10.88
CA ARG B 170 5.20 -2.20 10.75
C ARG B 170 5.80 -1.09 9.86
N THR B 171 5.21 -0.86 8.67
CA THR B 171 5.71 0.13 7.73
C THR B 171 4.71 1.20 7.52
N VAL B 172 5.03 2.42 7.93
CA VAL B 172 4.12 3.49 7.83
C VAL B 172 3.99 3.97 6.37
N SER B 173 2.90 4.67 6.12
CA SER B 173 2.71 5.35 4.84
C SER B 173 3.77 6.32 4.53
N SER B 174 4.03 6.45 3.22
CA SER B 174 4.93 7.52 2.77
C SER B 174 4.27 8.91 3.00
N VAL B 175 5.11 9.90 3.15
CA VAL B 175 4.71 11.28 3.36
C VAL B 175 5.55 12.09 2.41
N LEU B 176 4.87 13.06 1.78
CA LEU B 176 5.48 13.89 0.76
C LEU B 176 5.74 15.25 1.37
N GLN B 177 6.98 15.70 1.22
CA GLN B 177 7.39 16.96 1.79
C GLN B 177 8.45 17.53 0.87
N SER B 178 8.24 18.78 0.42
CA SER B 178 9.21 19.48 -0.39
C SER B 178 9.53 18.74 -1.68
N GLY B 179 8.56 17.94 -2.16
CA GLY B 179 8.73 17.18 -3.40
C GLY B 179 9.32 15.78 -3.26
N PHE B 180 9.67 15.38 -2.01
CA PHE B 180 10.26 14.05 -1.78
C PHE B 180 9.54 13.26 -0.74
N TYR B 181 9.65 11.98 -0.92
CA TYR B 181 9.02 11.02 -0.06
C TYR B 181 9.98 10.48 1.02
N SER B 182 9.34 10.12 2.14
CA SER B 182 10.00 9.37 3.25
C SER B 182 8.99 8.47 3.85
N LEU B 183 9.54 7.38 4.38
CA LEU B 183 8.80 6.44 5.29
C LEU B 183 9.72 5.78 6.25
N SER B 184 9.16 5.14 7.28
CA SER B 184 9.93 4.29 8.16
C SER B 184 9.25 2.93 8.24
N SER B 185 10.09 1.93 8.47
CA SER B 185 9.65 0.57 8.68
C SER B 185 10.34 0.07 9.98
N LEU B 186 9.56 -0.56 10.85
CA LEU B 186 10.04 -0.98 12.17
C LEU B 186 9.72 -2.46 12.34
N VAL B 187 10.48 -3.15 13.19
CA VAL B 187 10.21 -4.57 13.47
C VAL B 187 10.49 -4.76 14.95
N THR B 188 9.65 -5.58 15.61
CA THR B 188 9.84 -5.91 17.03
C THR B 188 10.27 -7.39 17.08
N VAL B 189 11.38 -7.62 17.80
CA VAL B 189 11.98 -8.93 17.98
C VAL B 189 12.30 -9.05 19.50
N PRO B 190 12.39 -10.28 19.97
CA PRO B 190 12.91 -10.49 21.36
C PRO B 190 14.25 -9.88 21.64
N SER B 191 14.40 -9.20 22.79
CA SER B 191 15.63 -8.47 23.02
C SER B 191 16.86 -9.42 23.12
N SER B 192 16.57 -10.72 23.22
CA SER B 192 17.63 -11.76 23.16
C SER B 192 18.16 -12.00 21.75
N THR B 193 17.26 -11.89 20.77
CA THR B 193 17.51 -12.21 19.35
C THR B 193 18.38 -11.16 18.64
N TRP B 194 18.51 -9.98 19.21
CA TRP B 194 19.34 -8.99 18.60
C TRP B 194 20.11 -8.33 19.76
N PRO B 195 21.42 -8.09 19.59
CA PRO B 195 22.15 -8.22 18.36
C PRO B 195 22.79 -9.55 18.05
N SER B 196 22.49 -10.57 18.81
CA SER B 196 23.12 -11.89 18.60
C SER B 196 22.87 -12.54 17.26
N GLN B 197 21.70 -12.27 16.68
CA GLN B 197 21.41 -12.66 15.32
C GLN B 197 21.29 -11.36 14.48
N THR B 198 21.88 -11.37 13.30
CA THR B 198 21.83 -10.29 12.33
C THR B 198 20.35 -9.93 11.95
N VAL B 199 20.07 -8.62 11.93
CA VAL B 199 18.81 -8.10 11.44
C VAL B 199 19.20 -7.04 10.40
N ILE B 200 18.64 -7.14 9.19
CA ILE B 200 18.86 -6.20 8.14
C ILE B 200 17.52 -5.78 7.59
N CYS B 201 17.46 -4.54 7.10
CA CYS B 201 16.31 -4.16 6.29
C CYS B 201 16.78 -4.12 4.82
N ASN B 202 15.85 -4.51 3.96
CA ASN B 202 16.00 -4.51 2.52
C ASN B 202 15.10 -3.45 1.91
N VAL B 203 15.67 -2.44 1.23
CA VAL B 203 14.87 -1.35 0.66
C VAL B 203 15.09 -1.32 -0.86
N ALA B 204 13.98 -1.40 -1.57
CA ALA B 204 13.94 -1.38 -3.03
C ALA B 204 13.22 -0.15 -3.52
N HIS B 205 13.78 0.49 -4.53
CA HIS B 205 13.17 1.62 -5.20
C HIS B 205 13.26 1.38 -6.72
N PRO B 206 12.23 0.75 -7.27
CA PRO B 206 12.29 0.28 -8.67
C PRO B 206 12.67 1.39 -9.66
N ALA B 207 12.10 2.60 -9.50
CA ALA B 207 12.41 3.72 -10.38
C ALA B 207 13.88 4.03 -10.58
N SER B 208 14.71 3.90 -9.53
CA SER B 208 16.13 4.15 -9.65
C SER B 208 16.91 2.81 -9.73
N LYS B 209 16.21 1.71 -9.89
CA LYS B 209 16.79 0.36 -9.79
C LYS B 209 17.74 0.26 -8.58
N THR B 210 17.20 0.66 -7.42
CA THR B 210 17.93 0.64 -6.15
C THR B 210 17.50 -0.58 -5.34
N GLU B 211 18.51 -1.24 -4.78
CA GLU B 211 18.33 -2.33 -3.80
C GLU B 211 19.37 -2.15 -2.71
N LEU B 212 18.96 -1.58 -1.59
CA LEU B 212 19.84 -1.37 -0.47
C LEU B 212 19.66 -2.46 0.61
N ILE B 213 20.74 -2.70 1.34
CA ILE B 213 20.73 -3.53 2.56
C ILE B 213 21.37 -2.66 3.65
N LYS B 214 20.68 -2.51 4.78
CA LYS B 214 21.25 -1.85 5.92
C LYS B 214 21.22 -2.83 7.11
N ARG B 215 22.37 -3.15 7.68
CA ARG B 215 22.45 -4.02 8.84
C ARG B 215 22.15 -3.11 9.98
N ILE B 216 21.30 -3.51 10.91
CA ILE B 216 21.11 -2.74 12.17
C ILE B 216 22.05 -3.24 13.25
N GLU B 217 22.99 -2.42 13.69
CA GLU B 217 23.83 -2.83 14.76
C GLU B 217 23.76 -1.97 16.01
N PRO B 218 24.11 -2.56 17.14
CA PRO B 218 24.03 -1.89 18.44
C PRO B 218 25.01 -0.74 18.59
N ARG B 219 24.59 0.28 19.32
CA ARG B 219 25.47 1.34 19.76
C ARG B 219 26.37 0.74 20.86
#